data_6YPL
#
_entry.id   6YPL
#
_cell.length_a   82.667
_cell.length_b   112.708
_cell.length_c   62.765
_cell.angle_alpha   90.000
_cell.angle_beta   90.000
_cell.angle_gamma   90.000
#
_symmetry.space_group_name_H-M   'C 2 2 21'
#
loop_
_entity.id
_entity.type
_entity.pdbx_description
1 polymer '14-3-3 protein sigma'
2 polymer p65pS45
3 non-polymer 'CHLORIDE ION'
4 non-polymer (2-methylsulfonylphenyl)methanol
5 water water
#
loop_
_entity_poly.entity_id
_entity_poly.type
_entity_poly.pdbx_seq_one_letter_code
_entity_poly.pdbx_strand_id
1 'polypeptide(L)'
;GAMGSMERASLIQKAKLAEQAERYEDMAAFMKGAVEKGEELS(CSO)EERNLLSVAYKNVVGGQRAAWRVLSSIEQKSNE
EGSEEKGPEVREYREKVETELQGVCDTVLGLLDSHLIKEAGDAESRVFYLKMKGDYYRYLAEVATGDDKKRIIDSARSAY
QEAMDISKKEMPPTNPIRLGLALNFSVFHYEIANSPEEAISLAKTTFDEAMADLHTLSEDSYKDSTLIMQLLRDNLTLWT
;
A
2 'polypeptide(L)' EGRSAG(SEP)IPGRRS P
#
loop_
_chem_comp.id
_chem_comp.type
_chem_comp.name
_chem_comp.formula
CL non-polymer 'CHLORIDE ION' 'Cl -1'
P6H non-polymer (2-methylsulfonylphenyl)methanol 'C8 H10 O3 S'
#
# COMPACT_ATOMS: atom_id res chain seq x y z
N ALA A 2 9.86 -20.02 0.86
CA ALA A 2 8.61 -20.61 1.32
C ALA A 2 7.94 -21.37 0.18
N MET A 3 7.16 -22.40 0.53
CA MET A 3 6.46 -23.22 -0.45
C MET A 3 7.44 -23.79 -1.45
N GLY A 4 8.61 -24.21 -0.95
CA GLY A 4 9.73 -24.50 -1.83
C GLY A 4 9.54 -25.70 -2.72
N SER A 5 8.66 -26.62 -2.34
CA SER A 5 8.44 -27.82 -3.14
C SER A 5 7.35 -27.65 -4.19
N MET A 6 6.68 -26.50 -4.25
CA MET A 6 5.62 -26.26 -5.22
C MET A 6 6.16 -25.50 -6.42
N GLU A 7 5.71 -25.91 -7.61
CA GLU A 7 6.12 -25.23 -8.84
C GLU A 7 5.69 -23.77 -8.82
N ARG A 8 6.51 -22.91 -9.42
CA ARG A 8 6.17 -21.49 -9.52
C ARG A 8 4.82 -21.30 -10.19
N ALA A 9 4.60 -22.01 -11.30
CA ALA A 9 3.34 -21.85 -12.03
C ALA A 9 2.14 -22.29 -11.19
N SER A 10 2.32 -23.35 -10.39
CA SER A 10 1.24 -23.81 -9.52
C SER A 10 0.95 -22.81 -8.42
N LEU A 11 2.00 -22.18 -7.88
CA LEU A 11 1.79 -21.13 -6.89
C LEU A 11 0.97 -19.97 -7.47
N ILE A 12 1.29 -19.55 -8.69
CA ILE A 12 0.54 -18.47 -9.33
C ILE A 12 -0.90 -18.89 -9.56
N GLN A 13 -1.09 -20.12 -10.06
CA GLN A 13 -2.45 -20.62 -10.29
C GLN A 13 -3.26 -20.65 -9.00
N LYS A 14 -2.66 -21.13 -7.92
CA LYS A 14 -3.38 -21.22 -6.66
C LYS A 14 -3.61 -19.85 -6.04
N ALA A 15 -2.69 -18.90 -6.29
CA ALA A 15 -2.94 -17.53 -5.85
C ALA A 15 -4.20 -16.97 -6.50
N LYS A 16 -4.41 -17.27 -7.79
CA LYS A 16 -5.61 -16.80 -8.47
C LYS A 16 -6.85 -17.49 -7.91
N LEU A 17 -6.74 -18.79 -7.60
CA LEU A 17 -7.85 -19.51 -6.99
C LEU A 17 -8.18 -18.95 -5.62
N ALA A 18 -7.15 -18.65 -4.81
CA ALA A 18 -7.37 -18.09 -3.48
C ALA A 18 -8.10 -16.76 -3.56
N GLU A 19 -7.73 -15.92 -4.53
CA GLU A 19 -8.43 -14.64 -4.69
C GLU A 19 -9.91 -14.87 -4.99
N GLN A 20 -10.21 -15.85 -5.85
CA GLN A 20 -11.61 -16.15 -6.16
C GLN A 20 -12.36 -16.64 -4.93
N ALA A 21 -11.68 -17.40 -4.07
CA ALA A 21 -12.29 -17.89 -2.84
C ALA A 21 -12.20 -16.87 -1.71
N GLU A 22 -11.64 -15.69 -1.98
CA GLU A 22 -11.44 -14.64 -0.98
C GLU A 22 -10.65 -15.17 0.22
N ARG A 23 -9.65 -15.98 -0.07
CA ARG A 23 -8.71 -16.51 0.92
C ARG A 23 -7.37 -15.80 0.78
N TYR A 24 -7.32 -14.58 1.33
CA TYR A 24 -6.22 -13.68 1.01
C TYR A 24 -4.95 -14.04 1.77
N GLU A 25 -5.06 -14.66 2.94
N GLU A 25 -5.06 -14.65 2.96
CA GLU A 25 -3.88 -15.14 3.63
CA GLU A 25 -3.88 -15.15 3.63
C GLU A 25 -3.21 -16.26 2.84
C GLU A 25 -3.21 -16.24 2.81
N ASP A 26 -4.01 -17.18 2.29
CA ASP A 26 -3.47 -18.19 1.39
C ASP A 26 -2.86 -17.54 0.15
N MET A 27 -3.56 -16.57 -0.43
CA MET A 27 -3.08 -15.89 -1.62
C MET A 27 -1.72 -15.25 -1.37
N ALA A 28 -1.55 -14.60 -0.21
CA ALA A 28 -0.29 -13.96 0.11
C ALA A 28 0.82 -14.99 0.28
N ALA A 29 0.51 -16.11 0.94
CA ALA A 29 1.51 -17.16 1.11
C ALA A 29 1.94 -17.75 -0.22
N PHE A 30 0.97 -17.96 -1.13
CA PHE A 30 1.32 -18.45 -2.46
C PHE A 30 2.21 -17.47 -3.21
N MET A 31 1.86 -16.18 -3.18
CA MET A 31 2.66 -15.19 -3.91
C MET A 31 4.02 -14.97 -3.25
N LYS A 32 4.10 -15.09 -1.92
CA LYS A 32 5.40 -15.04 -1.27
C LYS A 32 6.27 -16.19 -1.75
N GLY A 33 5.70 -17.39 -1.83
CA GLY A 33 6.44 -18.51 -2.39
C GLY A 33 6.86 -18.27 -3.83
N ALA A 34 5.99 -17.65 -4.63
CA ALA A 34 6.33 -17.36 -6.02
C ALA A 34 7.51 -16.39 -6.11
N VAL A 35 7.47 -15.33 -5.29
CA VAL A 35 8.57 -14.37 -5.28
C VAL A 35 9.88 -15.06 -4.92
N GLU A 36 9.85 -15.93 -3.92
CA GLU A 36 11.08 -16.54 -3.43
C GLU A 36 11.63 -17.60 -4.39
N LYS A 37 10.92 -17.90 -5.49
CA LYS A 37 11.53 -18.68 -6.55
C LYS A 37 12.67 -17.93 -7.23
N GLY A 38 12.75 -16.62 -7.04
CA GLY A 38 13.88 -15.84 -7.48
C GLY A 38 13.74 -15.21 -8.85
N GLU A 39 12.67 -15.51 -9.59
CA GLU A 39 12.44 -14.93 -10.90
C GLU A 39 11.69 -13.61 -10.78
N GLU A 40 11.93 -12.72 -11.73
CA GLU A 40 11.19 -11.46 -11.78
C GLU A 40 9.71 -11.74 -12.00
N LEU A 41 8.86 -10.78 -11.63
CA LEU A 41 7.42 -10.93 -11.69
C LEU A 41 6.87 -10.17 -12.90
N SER A 42 5.89 -10.78 -13.56
CA SER A 42 5.20 -10.12 -14.67
C SER A 42 4.25 -9.06 -14.13
N CSO A 43 3.65 -8.28 -15.03
CA CSO A 43 2.70 -7.24 -14.65
CB CSO A 43 2.18 -6.51 -15.89
SG CSO A 43 0.95 -5.27 -15.45
C CSO A 43 1.54 -7.85 -13.86
O CSO A 43 1.17 -7.37 -12.79
OD CSO A 43 -0.68 -5.97 -15.53
N GLU A 44 0.98 -8.93 -14.40
CA GLU A 44 -0.11 -9.64 -13.73
C GLU A 44 0.30 -10.17 -12.36
N GLU A 45 1.50 -10.76 -12.30
CA GLU A 45 1.96 -11.36 -11.05
C GLU A 45 2.23 -10.30 -9.99
N ARG A 46 2.75 -9.13 -10.39
CA ARG A 46 2.89 -8.04 -9.44
C ARG A 46 1.54 -7.64 -8.86
N ASN A 47 0.51 -7.60 -9.71
CA ASN A 47 -0.82 -7.26 -9.23
C ASN A 47 -1.33 -8.28 -8.22
N LEU A 48 -1.07 -9.57 -8.46
CA LEU A 48 -1.49 -10.60 -7.52
C LEU A 48 -0.78 -10.44 -6.19
N LEU A 49 0.51 -10.17 -6.21
CA LEU A 49 1.26 -9.93 -4.99
C LEU A 49 0.66 -8.76 -4.21
N SER A 50 0.40 -7.65 -4.90
CA SER A 50 -0.13 -6.46 -4.26
C SER A 50 -1.53 -6.70 -3.68
N VAL A 51 -2.42 -7.30 -4.48
CA VAL A 51 -3.79 -7.53 -4.02
C VAL A 51 -3.80 -8.40 -2.76
N ALA A 52 -3.00 -9.46 -2.75
CA ALA A 52 -3.01 -10.39 -1.62
C ALA A 52 -2.62 -9.69 -0.33
N TYR A 53 -1.49 -8.98 -0.32
CA TYR A 53 -1.03 -8.39 0.92
C TYR A 53 -1.84 -7.14 1.28
N LYS A 54 -2.37 -6.44 0.28
CA LYS A 54 -3.25 -5.29 0.57
C LYS A 54 -4.47 -5.75 1.36
N ASN A 55 -5.03 -6.90 0.99
CA ASN A 55 -6.20 -7.43 1.70
C ASN A 55 -5.82 -7.90 3.11
N VAL A 56 -4.70 -8.60 3.23
CA VAL A 56 -4.28 -9.11 4.54
C VAL A 56 -4.01 -7.95 5.50
N VAL A 57 -3.18 -7.01 5.08
CA VAL A 57 -2.86 -5.89 5.96
C VAL A 57 -4.08 -4.98 6.13
N GLY A 58 -4.97 -4.93 5.15
CA GLY A 58 -6.18 -4.13 5.29
C GLY A 58 -7.06 -4.63 6.42
N GLY A 59 -7.19 -5.95 6.55
CA GLY A 59 -7.93 -6.50 7.68
C GLY A 59 -7.26 -6.19 9.01
N GLN A 60 -5.93 -6.27 9.06
CA GLN A 60 -5.22 -5.98 10.30
C GLN A 60 -5.34 -4.51 10.68
N ARG A 61 -5.21 -3.61 9.69
CA ARG A 61 -5.34 -2.19 9.99
C ARG A 61 -6.74 -1.86 10.51
N ALA A 62 -7.77 -2.44 9.88
CA ALA A 62 -9.14 -2.21 10.33
C ALA A 62 -9.32 -2.69 11.77
N ALA A 63 -8.81 -3.87 12.08
CA ALA A 63 -8.91 -4.39 13.45
C ALA A 63 -8.13 -3.52 14.42
N TRP A 64 -6.92 -3.10 14.03
CA TRP A 64 -6.10 -2.27 14.91
C TRP A 64 -6.80 -0.95 15.23
N ARG A 65 -7.49 -0.36 14.24
CA ARG A 65 -8.19 0.90 14.50
C ARG A 65 -9.35 0.71 15.46
N VAL A 66 -10.09 -0.39 15.32
CA VAL A 66 -11.17 -0.70 16.27
C VAL A 66 -10.61 -0.80 17.68
N LEU A 67 -9.55 -1.59 17.85
CA LEU A 67 -9.00 -1.82 19.18
C LEU A 67 -8.33 -0.58 19.75
N SER A 68 -7.64 0.18 18.90
CA SER A 68 -7.03 1.43 19.38
C SER A 68 -8.08 2.41 19.84
N SER A 69 -9.23 2.46 19.15
CA SER A 69 -10.32 3.32 19.56
C SER A 69 -10.88 2.90 20.92
N ILE A 70 -11.10 1.60 21.11
CA ILE A 70 -11.56 1.10 22.40
C ILE A 70 -10.56 1.42 23.49
N GLU A 71 -9.27 1.21 23.20
CA GLU A 71 -8.21 1.47 24.17
C GLU A 71 -8.21 2.93 24.60
N GLN A 72 -8.37 3.85 23.64
CA GLN A 72 -8.33 5.27 23.96
C GLN A 72 -9.54 5.69 24.79
N LYS A 73 -10.69 5.06 24.54
CA LYS A 73 -11.86 5.31 25.37
C LYS A 73 -11.63 4.81 26.79
N SER A 74 -10.94 3.67 26.94
CA SER A 74 -10.68 3.12 28.26
C SER A 74 -9.73 4.00 29.07
N ASN A 75 -8.95 4.84 28.41
CA ASN A 75 -7.99 5.72 29.08
C ASN A 75 -8.48 7.16 29.12
N GLU A 76 -9.72 7.37 29.55
CA GLU A 76 -10.34 8.68 29.57
C GLU A 76 -10.77 9.04 30.98
N GLU A 77 -11.01 10.33 31.21
CA GLU A 77 -11.48 10.79 32.50
C GLU A 77 -12.85 10.19 32.79
N GLY A 78 -12.99 9.58 33.96
CA GLY A 78 -14.21 8.86 34.30
C GLY A 78 -14.25 7.42 33.85
N SER A 79 -13.09 6.79 33.66
CA SER A 79 -13.01 5.44 33.11
C SER A 79 -12.99 4.42 34.24
N GLU A 80 -13.63 3.28 34.00
CA GLU A 80 -13.58 2.16 34.92
C GLU A 80 -12.53 1.18 34.40
N GLU A 81 -11.45 1.04 35.16
CA GLU A 81 -10.38 0.12 34.81
C GLU A 81 -10.93 -1.23 34.36
N LYS A 82 -10.53 -1.66 33.17
CA LYS A 82 -10.89 -2.96 32.64
C LYS A 82 -9.74 -3.97 32.68
N GLY A 83 -8.55 -3.57 33.11
CA GLY A 83 -7.40 -4.44 33.10
C GLY A 83 -6.52 -4.19 31.89
N PRO A 84 -5.48 -5.02 31.73
CA PRO A 84 -4.55 -4.86 30.59
C PRO A 84 -5.04 -5.48 29.29
N GLU A 85 -6.26 -6.03 29.25
CA GLU A 85 -6.65 -6.88 28.13
C GLU A 85 -6.73 -6.10 26.82
N VAL A 86 -7.34 -4.92 26.83
CA VAL A 86 -7.47 -4.16 25.57
C VAL A 86 -6.09 -3.81 25.02
N ARG A 87 -5.20 -3.31 25.88
CA ARG A 87 -3.85 -2.99 25.43
C ARG A 87 -3.14 -4.25 24.93
N GLU A 88 -3.24 -5.35 25.67
CA GLU A 88 -2.56 -6.59 25.29
C GLU A 88 -3.02 -7.05 23.92
N TYR A 89 -4.33 -7.03 23.67
CA TYR A 89 -4.85 -7.53 22.40
C TYR A 89 -4.53 -6.58 21.25
N ARG A 90 -4.61 -5.27 21.49
CA ARG A 90 -4.18 -4.32 20.47
C ARG A 90 -2.70 -4.52 20.14
N GLU A 91 -1.88 -4.79 21.14
CA GLU A 91 -0.47 -5.08 20.90
C GLU A 91 -0.29 -6.35 20.07
N LYS A 92 -1.12 -7.36 20.32
N LYS A 92 -1.10 -7.37 20.35
CA LYS A 92 -1.03 -8.60 19.55
CA LYS A 92 -1.06 -8.60 19.56
C LYS A 92 -1.34 -8.35 18.07
C LYS A 92 -1.31 -8.32 18.09
N VAL A 93 -2.43 -7.64 17.79
CA VAL A 93 -2.78 -7.31 16.41
C VAL A 93 -1.70 -6.43 15.79
N GLU A 94 -1.25 -5.44 16.54
CA GLU A 94 -0.20 -4.54 16.06
C GLU A 94 1.06 -5.30 15.69
N THR A 95 1.47 -6.26 16.53
CA THR A 95 2.67 -7.03 16.25
C THR A 95 2.50 -7.90 15.00
N GLU A 96 1.30 -8.46 14.82
N GLU A 96 1.30 -8.46 14.83
CA GLU A 96 1.04 -9.26 13.62
CA GLU A 96 1.03 -9.26 13.64
C GLU A 96 1.04 -8.39 12.38
C GLU A 96 1.03 -8.39 12.38
N LEU A 97 0.47 -7.19 12.47
CA LEU A 97 0.51 -6.25 11.35
C LEU A 97 1.94 -5.89 10.98
N GLN A 98 2.76 -5.54 11.98
CA GLN A 98 4.14 -5.19 11.69
C GLN A 98 4.89 -6.36 11.07
N GLY A 99 4.55 -7.58 11.48
CA GLY A 99 5.18 -8.74 10.87
C GLY A 99 4.86 -8.86 9.38
N VAL A 100 3.60 -8.60 9.01
CA VAL A 100 3.22 -8.66 7.60
C VAL A 100 3.94 -7.57 6.81
N CYS A 101 3.98 -6.36 7.36
CA CYS A 101 4.69 -5.27 6.68
C CYS A 101 6.17 -5.60 6.51
N ASP A 102 6.80 -6.13 7.56
CA ASP A 102 8.21 -6.50 7.45
C ASP A 102 8.41 -7.60 6.40
N THR A 103 7.47 -8.54 6.31
CA THR A 103 7.58 -9.59 5.31
C THR A 103 7.53 -9.02 3.90
N VAL A 104 6.60 -8.10 3.64
CA VAL A 104 6.50 -7.48 2.32
C VAL A 104 7.75 -6.67 2.02
N LEU A 105 8.18 -5.85 2.99
CA LEU A 105 9.40 -5.06 2.80
C LEU A 105 10.61 -5.96 2.56
N GLY A 106 10.63 -7.13 3.20
CA GLY A 106 11.72 -8.06 2.98
C GLY A 106 11.72 -8.62 1.57
N LEU A 107 10.53 -8.88 1.02
CA LEU A 107 10.44 -9.37 -0.35
C LEU A 107 10.90 -8.30 -1.35
N LEU A 108 10.52 -7.05 -1.11
CA LEU A 108 10.96 -5.97 -1.98
C LEU A 108 12.47 -5.80 -1.93
N ASP A 109 13.05 -5.94 -0.73
CA ASP A 109 14.49 -5.77 -0.56
C ASP A 109 15.28 -7.00 -0.98
N SER A 110 14.63 -8.16 -1.10
CA SER A 110 15.32 -9.42 -1.38
C SER A 110 14.45 -10.28 -2.30
N HIS A 111 14.47 -9.99 -3.61
CA HIS A 111 15.33 -8.99 -4.23
C HIS A 111 14.58 -8.30 -5.36
N LEU A 112 13.29 -8.00 -5.13
CA LEU A 112 12.43 -7.52 -6.20
C LEU A 112 12.90 -6.18 -6.75
N ILE A 113 13.23 -5.24 -5.86
CA ILE A 113 13.52 -3.88 -6.31
C ILE A 113 14.84 -3.84 -7.09
N LYS A 114 15.88 -4.50 -6.58
CA LYS A 114 17.18 -4.37 -7.22
C LYS A 114 17.20 -4.99 -8.61
N GLU A 115 16.32 -5.96 -8.87
CA GLU A 115 16.26 -6.56 -10.20
C GLU A 115 15.22 -5.91 -11.10
N ALA A 116 14.50 -4.90 -10.62
CA ALA A 116 13.48 -4.23 -11.42
C ALA A 116 14.12 -3.06 -12.17
N GLY A 117 14.22 -3.18 -13.49
CA GLY A 117 14.87 -2.18 -14.30
C GLY A 117 13.92 -1.33 -15.12
N ASP A 118 12.79 -1.90 -15.51
CA ASP A 118 11.80 -1.15 -16.25
C ASP A 118 11.04 -0.22 -15.32
N ALA A 119 10.58 0.91 -15.88
CA ALA A 119 9.87 1.91 -15.09
C ALA A 119 8.62 1.32 -14.44
N GLU A 120 7.84 0.55 -15.19
CA GLU A 120 6.58 0.01 -14.67
C GLU A 120 6.82 -0.87 -13.45
N SER A 121 7.84 -1.72 -13.49
CA SER A 121 8.10 -2.61 -12.36
C SER A 121 8.76 -1.87 -11.21
N ARG A 122 9.74 -1.00 -11.51
CA ARG A 122 10.45 -0.31 -10.44
C ARG A 122 9.55 0.64 -9.68
N VAL A 123 8.73 1.41 -10.40
CA VAL A 123 7.79 2.32 -9.73
C VAL A 123 6.78 1.53 -8.91
N PHE A 124 6.30 0.40 -9.47
CA PHE A 124 5.35 -0.43 -8.75
C PHE A 124 5.89 -0.87 -7.41
N TYR A 125 7.13 -1.39 -7.40
CA TYR A 125 7.70 -1.90 -6.16
C TYR A 125 8.01 -0.76 -5.18
N LEU A 126 8.50 0.36 -5.68
CA LEU A 126 8.83 1.47 -4.79
C LEU A 126 7.57 2.07 -4.18
N LYS A 127 6.49 2.12 -4.94
CA LYS A 127 5.20 2.51 -4.38
C LYS A 127 4.77 1.56 -3.27
N MET A 128 4.93 0.25 -3.48
CA MET A 128 4.64 -0.72 -2.43
C MET A 128 5.49 -0.45 -1.20
N LYS A 129 6.78 -0.18 -1.41
CA LYS A 129 7.68 0.08 -0.28
C LYS A 129 7.20 1.28 0.52
N GLY A 130 6.83 2.36 -0.16
CA GLY A 130 6.27 3.50 0.55
C GLY A 130 4.99 3.15 1.28
N ASP A 131 4.13 2.35 0.65
CA ASP A 131 2.86 1.97 1.28
C ASP A 131 3.07 1.22 2.57
N TYR A 132 3.98 0.23 2.57
CA TYR A 132 4.09 -0.62 3.75
C TYR A 132 4.90 0.05 4.85
N TYR A 133 5.78 0.97 4.50
CA TYR A 133 6.34 1.84 5.55
C TYR A 133 5.27 2.78 6.08
N ARG A 134 4.34 3.23 5.23
CA ARG A 134 3.24 4.06 5.71
C ARG A 134 2.36 3.30 6.69
N TYR A 135 2.11 2.02 6.42
CA TYR A 135 1.32 1.23 7.36
C TYR A 135 2.05 1.05 8.68
N LEU A 136 3.38 0.86 8.62
CA LEU A 136 4.16 0.84 9.86
C LEU A 136 4.07 2.17 10.58
N ALA A 137 4.09 3.28 9.83
CA ALA A 137 4.00 4.60 10.46
C ALA A 137 2.66 4.79 11.15
N GLU A 138 1.58 4.20 10.62
CA GLU A 138 0.26 4.40 11.22
C GLU A 138 0.22 3.94 12.67
N VAL A 139 1.02 2.94 13.04
CA VAL A 139 1.00 2.36 14.37
C VAL A 139 2.24 2.70 15.18
N ALA A 140 3.18 3.45 14.62
CA ALA A 140 4.45 3.70 15.31
C ALA A 140 4.30 4.85 16.30
N THR A 141 4.99 4.71 17.44
CA THR A 141 4.89 5.67 18.54
C THR A 141 6.22 5.83 19.27
N GLY A 142 7.23 5.07 18.86
CA GLY A 142 8.49 5.03 19.59
C GLY A 142 9.59 5.90 19.03
N ASP A 143 10.83 5.54 19.32
CA ASP A 143 12.00 6.30 18.88
C ASP A 143 12.32 6.11 17.39
N ASP A 144 11.45 5.46 16.63
CA ASP A 144 11.66 5.26 15.20
C ASP A 144 10.46 5.66 14.34
N LYS A 145 9.44 6.29 14.93
CA LYS A 145 8.33 6.80 14.13
C LYS A 145 8.83 7.79 13.09
N LYS A 146 9.80 8.64 13.45
CA LYS A 146 10.36 9.58 12.49
C LYS A 146 11.14 8.85 11.41
N ARG A 147 11.93 7.86 11.78
CA ARG A 147 12.73 7.15 10.78
C ARG A 147 11.84 6.35 9.84
N ILE A 148 10.74 5.78 10.36
CA ILE A 148 9.80 5.05 9.51
C ILE A 148 9.15 6.00 8.51
N ILE A 149 8.74 7.18 8.98
CA ILE A 149 8.12 8.17 8.11
C ILE A 149 9.08 8.58 7.00
N ASP A 150 10.35 8.80 7.36
CA ASP A 150 11.33 9.17 6.33
C ASP A 150 11.57 8.03 5.36
N SER A 151 11.50 6.79 5.83
CA SER A 151 11.65 5.65 4.93
C SER A 151 10.51 5.60 3.93
N ALA A 152 9.28 5.88 4.38
CA ALA A 152 8.15 5.96 3.46
C ALA A 152 8.33 7.08 2.45
N ARG A 153 8.69 8.28 2.94
N ARG A 153 8.68 8.28 2.93
CA ARG A 153 8.86 9.43 2.05
CA ARG A 153 8.86 9.42 2.05
C ARG A 153 9.93 9.16 1.01
C ARG A 153 9.93 9.16 1.01
N SER A 154 11.04 8.55 1.42
CA SER A 154 12.14 8.29 0.49
C SER A 154 11.72 7.33 -0.63
N ALA A 155 11.00 6.28 -0.28
CA ALA A 155 10.54 5.33 -1.29
C ALA A 155 9.55 6.00 -2.24
N TYR A 156 8.56 6.72 -1.70
CA TYR A 156 7.61 7.43 -2.55
C TYR A 156 8.32 8.43 -3.45
N GLN A 157 9.31 9.14 -2.91
CA GLN A 157 9.97 10.19 -3.69
C GLN A 157 10.75 9.60 -4.86
N GLU A 158 11.50 8.51 -4.62
CA GLU A 158 12.19 7.86 -5.72
C GLU A 158 11.21 7.40 -6.78
N ALA A 159 10.09 6.80 -6.35
CA ALA A 159 9.07 6.36 -7.30
C ALA A 159 8.51 7.52 -8.09
N MET A 160 8.27 8.66 -7.43
CA MET A 160 7.73 9.83 -8.14
C MET A 160 8.71 10.33 -9.19
N ASP A 161 9.99 10.44 -8.81
CA ASP A 161 11.00 10.92 -9.76
C ASP A 161 11.04 10.07 -11.01
N ILE A 162 10.99 8.74 -10.86
CA ILE A 162 11.02 7.86 -12.02
C ILE A 162 9.75 8.01 -12.85
N SER A 163 8.59 8.07 -12.19
CA SER A 163 7.33 8.12 -12.93
C SER A 163 7.18 9.41 -13.71
N LYS A 164 7.71 10.52 -13.17
CA LYS A 164 7.62 11.79 -13.90
C LYS A 164 8.53 11.78 -15.12
N LYS A 165 9.65 11.06 -15.06
CA LYS A 165 10.57 10.95 -16.19
C LYS A 165 10.13 9.93 -17.22
N GLU A 166 9.52 8.82 -16.80
CA GLU A 166 9.37 7.66 -17.68
C GLU A 166 7.94 7.29 -18.00
N MET A 167 6.94 7.94 -17.41
CA MET A 167 5.57 7.55 -17.65
C MET A 167 4.73 8.76 -18.03
N PRO A 168 3.69 8.57 -18.85
CA PRO A 168 2.77 9.66 -19.15
C PRO A 168 1.95 10.01 -17.93
N PRO A 169 1.40 11.24 -17.88
CA PRO A 169 0.67 11.66 -16.67
C PRO A 169 -0.59 10.86 -16.40
N THR A 170 -1.09 10.09 -17.36
CA THR A 170 -2.31 9.29 -17.17
C THR A 170 -2.02 7.85 -16.78
N ASN A 171 -0.75 7.45 -16.71
CA ASN A 171 -0.41 6.07 -16.37
C ASN A 171 -1.04 5.70 -15.02
N PRO A 172 -1.83 4.63 -14.95
CA PRO A 172 -2.50 4.29 -13.69
C PRO A 172 -1.56 4.10 -12.50
N ILE A 173 -0.37 3.53 -12.73
CA ILE A 173 0.57 3.38 -11.63
C ILE A 173 1.08 4.74 -11.18
N ARG A 174 1.39 5.63 -12.13
CA ARG A 174 1.79 6.98 -11.77
C ARG A 174 0.70 7.71 -11.00
N LEU A 175 -0.55 7.54 -11.42
CA LEU A 175 -1.67 8.19 -10.73
C LEU A 175 -1.87 7.61 -9.34
N GLY A 176 -1.84 6.29 -9.22
CA GLY A 176 -2.04 5.68 -7.91
C GLY A 176 -0.89 5.99 -6.95
N LEU A 177 0.32 6.09 -7.49
CA LEU A 177 1.45 6.50 -6.67
C LEU A 177 1.23 7.90 -6.10
N ALA A 178 0.83 8.84 -6.96
CA ALA A 178 0.59 10.20 -6.50
C ALA A 178 -0.56 10.25 -5.50
N LEU A 179 -1.61 9.46 -5.74
CA LEU A 179 -2.72 9.40 -4.80
C LEU A 179 -2.25 8.97 -3.42
N ASN A 180 -1.49 7.87 -3.35
CA ASN A 180 -1.05 7.35 -2.05
C ASN A 180 -0.02 8.27 -1.41
N PHE A 181 0.88 8.86 -2.21
CA PHE A 181 1.84 9.80 -1.67
C PHE A 181 1.11 11.02 -1.09
N SER A 182 0.04 11.45 -1.75
N SER A 182 0.02 11.44 -1.74
CA SER A 182 -0.78 12.54 -1.22
CA SER A 182 -0.75 12.55 -1.20
C SER A 182 -1.42 12.16 0.10
C SER A 182 -1.43 12.16 0.12
N VAL A 183 -1.89 10.91 0.21
CA VAL A 183 -2.46 10.44 1.46
C VAL A 183 -1.39 10.40 2.54
N PHE A 184 -0.17 10.00 2.17
CA PHE A 184 0.95 10.04 3.11
C PHE A 184 1.16 11.46 3.63
N HIS A 185 1.17 12.45 2.74
CA HIS A 185 1.37 13.83 3.16
C HIS A 185 0.29 14.28 4.13
N TYR A 186 -0.97 13.89 3.85
CA TYR A 186 -2.09 14.38 4.64
C TYR A 186 -2.18 13.66 5.98
N GLU A 187 -2.08 12.34 5.97
CA GLU A 187 -2.39 11.54 7.14
C GLU A 187 -1.18 11.26 8.02
N ILE A 188 0.02 11.22 7.45
CA ILE A 188 1.21 10.78 8.15
C ILE A 188 2.17 11.94 8.44
N ALA A 189 2.47 12.74 7.42
CA ALA A 189 3.51 13.76 7.50
C ALA A 189 3.00 15.12 7.97
N ASN A 190 1.71 15.24 8.30
CA ASN A 190 1.12 16.52 8.73
C ASN A 190 1.42 17.63 7.74
N SER A 191 1.31 17.32 6.46
CA SER A 191 1.51 18.30 5.38
C SER A 191 0.29 18.32 4.47
N PRO A 192 -0.86 18.78 4.97
CA PRO A 192 -2.07 18.77 4.15
C PRO A 192 -1.97 19.66 2.92
N GLU A 193 -1.21 20.76 3.00
CA GLU A 193 -1.08 21.61 1.83
C GLU A 193 -0.29 20.93 0.73
N GLU A 194 0.77 20.19 1.10
CA GLU A 194 1.48 19.39 0.12
C GLU A 194 0.59 18.30 -0.47
N ALA A 195 -0.26 17.71 0.37
CA ALA A 195 -1.19 16.68 -0.11
C ALA A 195 -2.15 17.26 -1.14
N ILE A 196 -2.75 18.40 -0.84
CA ILE A 196 -3.70 19.02 -1.76
C ILE A 196 -3.01 19.44 -3.04
N SER A 197 -1.82 20.04 -2.95
CA SER A 197 -1.11 20.49 -4.14
C SER A 197 -0.75 19.32 -5.04
N LEU A 198 -0.32 18.21 -4.46
CA LEU A 198 0.06 17.06 -5.27
C LEU A 198 -1.16 16.46 -5.97
N ALA A 199 -2.27 16.33 -5.24
CA ALA A 199 -3.48 15.76 -5.85
C ALA A 199 -4.01 16.65 -6.96
N LYS A 200 -4.02 17.97 -6.76
CA LYS A 200 -4.50 18.89 -7.79
C LYS A 200 -3.63 18.84 -9.04
N THR A 201 -2.31 19.00 -8.86
CA THR A 201 -1.38 18.97 -9.99
C THR A 201 -1.46 17.64 -10.73
N THR A 202 -1.56 16.54 -9.99
CA THR A 202 -1.68 15.23 -10.62
C THR A 202 -2.96 15.13 -11.44
N PHE A 203 -4.08 15.57 -10.87
CA PHE A 203 -5.36 15.52 -11.56
C PHE A 203 -5.34 16.38 -12.82
N ASP A 204 -4.85 17.62 -12.70
CA ASP A 204 -4.87 18.54 -13.83
C ASP A 204 -3.99 18.05 -14.97
N GLU A 205 -2.82 17.52 -14.66
CA GLU A 205 -1.93 17.05 -15.72
C GLU A 205 -2.44 15.77 -16.37
N ALA A 206 -3.14 14.92 -15.61
CA ALA A 206 -3.78 13.76 -16.21
C ALA A 206 -4.90 14.18 -17.15
N MET A 207 -5.73 15.12 -16.72
CA MET A 207 -6.84 15.59 -17.56
C MET A 207 -6.35 16.08 -18.91
N ALA A 208 -5.26 16.82 -18.92
CA ALA A 208 -4.72 17.37 -20.16
C ALA A 208 -4.17 16.29 -21.09
N ASP A 209 -3.94 15.09 -20.58
CA ASP A 209 -3.37 14.00 -21.36
C ASP A 209 -4.42 12.97 -21.77
N LEU A 210 -5.67 13.12 -21.33
CA LEU A 210 -6.70 12.11 -21.61
C LEU A 210 -6.98 11.97 -23.10
N HIS A 211 -6.80 13.03 -23.87
CA HIS A 211 -7.12 12.99 -25.30
C HIS A 211 -6.29 11.97 -26.05
N THR A 212 -5.16 11.55 -25.49
CA THR A 212 -4.28 10.58 -26.14
C THR A 212 -4.72 9.13 -25.96
N LEU A 213 -5.75 8.88 -25.16
CA LEU A 213 -6.02 7.53 -24.68
C LEU A 213 -7.15 6.85 -25.46
N SER A 214 -7.06 5.53 -25.54
CA SER A 214 -8.15 4.71 -26.04
C SER A 214 -9.30 4.71 -25.04
N GLU A 215 -10.44 4.16 -25.46
CA GLU A 215 -11.61 4.10 -24.59
C GLU A 215 -11.31 3.32 -23.32
N ASP A 216 -10.56 2.22 -23.43
CA ASP A 216 -10.27 1.40 -22.25
C ASP A 216 -9.26 2.06 -21.32
N SER A 217 -8.19 2.65 -21.88
CA SER A 217 -7.22 3.35 -21.04
C SER A 217 -7.84 4.59 -20.42
N TYR A 218 -8.73 5.26 -21.15
CA TYR A 218 -9.47 6.40 -20.61
C TYR A 218 -10.23 6.00 -19.35
N LYS A 219 -10.90 4.85 -19.37
CA LYS A 219 -11.64 4.40 -18.18
C LYS A 219 -10.69 4.07 -17.03
N ASP A 220 -9.56 3.43 -17.35
CA ASP A 220 -8.57 3.14 -16.31
C ASP A 220 -8.11 4.41 -15.60
N SER A 221 -7.75 5.43 -16.37
CA SER A 221 -7.18 6.65 -15.78
C SER A 221 -8.24 7.49 -15.08
N THR A 222 -9.40 7.68 -15.72
CA THR A 222 -10.43 8.51 -15.10
C THR A 222 -10.93 7.92 -13.79
N LEU A 223 -10.88 6.59 -13.64
CA LEU A 223 -11.27 6.00 -12.36
C LEU A 223 -10.37 6.49 -11.24
N ILE A 224 -9.06 6.45 -11.45
CA ILE A 224 -8.14 6.89 -10.40
C ILE A 224 -8.21 8.40 -10.24
N MET A 225 -8.43 9.15 -11.32
CA MET A 225 -8.60 10.59 -11.20
C MET A 225 -9.78 10.93 -10.29
N GLN A 226 -10.85 10.12 -10.35
CA GLN A 226 -11.98 10.35 -9.46
C GLN A 226 -11.58 10.18 -8.00
N LEU A 227 -10.68 9.24 -7.71
CA LEU A 227 -10.21 9.05 -6.34
C LEU A 227 -9.43 10.28 -5.87
N LEU A 228 -8.60 10.86 -6.74
CA LEU A 228 -7.95 12.11 -6.41
C LEU A 228 -8.97 13.20 -6.14
N ARG A 229 -9.99 13.30 -6.98
CA ARG A 229 -11.04 14.30 -6.79
C ARG A 229 -11.79 14.08 -5.48
N ASP A 230 -12.10 12.81 -5.15
CA ASP A 230 -12.77 12.51 -3.89
C ASP A 230 -11.98 13.03 -2.70
N ASN A 231 -10.66 12.82 -2.72
CA ASN A 231 -9.83 13.28 -1.61
C ASN A 231 -9.78 14.80 -1.55
N LEU A 232 -9.64 15.45 -2.71
CA LEU A 232 -9.66 16.91 -2.74
C LEU A 232 -10.96 17.47 -2.19
N THR A 233 -12.09 16.82 -2.53
CA THR A 233 -13.38 17.23 -2.00
C THR A 233 -13.41 17.13 -0.49
N LEU A 234 -12.77 16.09 0.07
CA LEU A 234 -12.75 15.90 1.51
C LEU A 234 -11.79 16.86 2.21
N TRP A 235 -10.70 17.24 1.54
CA TRP A 235 -9.66 18.05 2.15
C TRP A 235 -9.87 19.55 1.99
N THR A 236 -10.76 19.97 1.10
CA THR A 236 -10.94 21.39 0.81
C THR A 236 -12.40 21.82 0.95
N ALA B 5 -9.98 10.10 3.91
CA ALA B 5 -8.99 10.19 2.83
C ALA B 5 -8.59 8.80 2.40
N GLY B 6 -8.86 8.48 1.14
CA GLY B 6 -8.64 7.14 0.64
C GLY B 6 -7.43 6.94 -0.25
N SEP B 7 -6.66 5.91 0.05
CA SEP B 7 -5.60 5.42 -0.83
CB SEP B 7 -4.60 4.61 -0.03
OG SEP B 7 -5.28 3.50 0.51
C SEP B 7 -6.22 4.55 -1.93
O SEP B 7 -7.44 4.35 -1.94
P SEP B 7 -4.46 2.71 1.64
O1P SEP B 7 -5.40 1.45 2.02
O2P SEP B 7 -4.25 3.63 2.95
O3P SEP B 7 -3.05 2.20 1.05
N ILE B 8 -5.39 4.02 -2.82
CA ILE B 8 -5.87 3.09 -3.83
C ILE B 8 -6.40 1.84 -3.14
N PRO B 9 -7.68 1.50 -3.38
CA PRO B 9 -8.27 0.32 -2.74
C PRO B 9 -7.45 -0.94 -2.98
N GLY B 10 -7.29 -1.31 -4.25
CA GLY B 10 -6.38 -2.37 -4.61
C GLY B 10 -6.64 -3.69 -3.93
N ARG B 11 -7.90 -3.99 -3.62
CA ARG B 11 -8.27 -5.28 -3.04
C ARG B 11 -8.78 -6.26 -4.07
N ARG B 12 -8.96 -5.84 -5.33
CA ARG B 12 -9.48 -6.70 -6.38
C ARG B 12 -8.56 -6.61 -7.58
N SER B 13 -8.12 -7.76 -8.08
CA SER B 13 -7.24 -7.80 -9.24
C SER B 13 -8.03 -7.67 -10.53
CL CL C . -3.73 -10.97 23.61
C01 P6H D . -2.45 -3.16 -7.90
C04 P6H D . -2.56 -0.22 -8.15
C05 P6H D . -1.99 1.04 -8.03
C06 P6H D . -0.92 1.34 -6.98
C07 P6H D . -2.40 2.08 -8.87
C08 P6H D . -3.37 1.86 -9.83
C09 P6H D . -3.93 0.60 -9.96
C10 P6H D . -3.53 -0.44 -9.12
O03 P6H D . -0.65 -1.54 -6.66
O11 P6H D . -2.73 -1.48 -5.78
S02 P6H D . -2.05 -1.58 -7.07
#